data_2PXK
#
_entry.id   2PXK
#
_cell.length_a   130.607
_cell.length_b   77.916
_cell.length_c   32.436
_cell.angle_alpha   90.000
_cell.angle_beta   94.530
_cell.angle_gamma   90.000
#
_symmetry.space_group_name_H-M   'C 1 2 1'
#
loop_
_entity.id
_entity.type
_entity.pdbx_description
1 polymer '4.5 S RNA'
2 polymer 'Signal recognition particle protein'
3 non-polymer 'COBALT HEXAMMINE(III)'
#
loop_
_entity_poly.entity_id
_entity_poly.type
_entity_poly.pdbx_seq_one_letter_code
_entity_poly.pdbx_strand_id
1 'polyribonucleotide' GGGUGUGUUUACCAGGUCAGGUCCGAAAGGAAGCAGCCAAGGCACGUCC B
2 'polypeptide(L)'
;FDLNDFLEQLRQMKN(MSE)GG(MSE)ASL(MSE)GKLPG(MSE)GQIPDNVKSQ(MSE)DDKVLVR(MSE)EAIINS
(MSE)T(MSE)KERAKPEIIKGSRKRRIAAGSG(MSE)QVQDVNRLLKQFDD(MSE)QR(MSE)(MSE)KK(MSE)
;
A
#
loop_
_chem_comp.id
_chem_comp.type
_chem_comp.name
_chem_comp.formula
A RNA linking ADENOSINE-5'-MONOPHOSPHATE 'C10 H14 N5 O7 P'
C RNA linking CYTIDINE-5'-MONOPHOSPHATE 'C9 H14 N3 O8 P'
G RNA linking GUANOSINE-5'-MONOPHOSPHATE 'C10 H14 N5 O8 P'
NCO non-polymer 'COBALT HEXAMMINE(III)' 'Co H18 N6 3'
U RNA linking URIDINE-5'-MONOPHOSPHATE 'C9 H13 N2 O9 P'
#
# COMPACT_ATOMS: atom_id res chain seq x y z
N PHE B 1 -9.08 -1.07 10.06
CA PHE B 1 -7.79 -0.39 9.73
C PHE B 1 -7.39 -0.57 8.24
N ASP B 2 -7.62 0.47 7.45
CA ASP B 2 -7.29 0.45 6.03
C ASP B 2 -6.01 1.22 5.76
N LEU B 3 -5.66 1.34 4.48
CA LEU B 3 -4.44 2.04 4.09
C LEU B 3 -4.51 3.52 4.46
N ASN B 4 -5.67 4.13 4.30
CA ASN B 4 -5.82 5.54 4.63
C ASN B 4 -5.15 5.86 5.96
N ASP B 5 -5.43 5.05 6.98
CA ASP B 5 -4.84 5.28 8.29
C ASP B 5 -3.35 5.05 8.19
N PHE B 6 -2.99 3.84 7.75
CA PHE B 6 -1.59 3.46 7.63
C PHE B 6 -0.74 4.53 6.96
N LEU B 7 -1.38 5.46 6.25
CA LEU B 7 -0.62 6.52 5.61
C LEU B 7 -0.22 7.58 6.63
N GLU B 8 -1.19 8.00 7.46
CA GLU B 8 -0.95 9.00 8.49
C GLU B 8 0.43 8.76 9.07
N GLN B 9 0.59 7.57 9.63
CA GLN B 9 1.84 7.14 10.23
C GLN B 9 2.81 6.67 9.14
N LYS B 43 13.08 9.84 4.23
CA LYS B 43 13.73 9.23 3.07
C LYS B 43 12.91 8.04 2.56
N VAL B 44 12.97 6.92 3.28
CA VAL B 44 12.23 5.72 2.89
C VAL B 44 10.73 5.93 3.11
N LEU B 45 10.39 7.02 3.79
CA LEU B 45 8.98 7.34 4.07
C LEU B 45 8.30 7.95 2.84
N VAL B 46 8.84 9.06 2.34
CA VAL B 46 8.27 9.73 1.18
C VAL B 46 8.04 8.81 -0.02
N ARG B 47 8.61 7.62 0.01
CA ARG B 47 8.45 6.67 -1.07
C ARG B 47 7.37 5.65 -0.73
N MSE B 48 7.19 5.42 0.56
CA MSE B 48 6.17 4.49 1.04
C MSE B 48 4.84 5.22 1.02
O MSE B 48 3.78 4.64 1.31
CB MSE B 48 6.50 4.03 2.45
CG MSE B 48 5.54 2.98 2.99
SE MSE B 48 5.97 2.44 4.78
CE MSE B 48 4.79 3.63 5.75
N GLU B 49 4.88 6.50 0.69
CA GLU B 49 3.69 7.33 0.60
C GLU B 49 3.31 7.46 -0.86
N ALA B 50 4.28 7.82 -1.68
CA ALA B 50 4.07 7.97 -3.10
C ALA B 50 3.41 6.71 -3.67
N ILE B 51 3.69 5.57 -3.04
CA ILE B 51 3.15 4.28 -3.46
C ILE B 51 1.68 4.13 -3.08
N ILE B 52 1.22 4.94 -2.14
CA ILE B 52 -0.18 4.90 -1.75
C ILE B 52 -0.93 5.94 -2.58
N ASN B 53 -0.25 7.06 -2.84
CA ASN B 53 -0.83 8.14 -3.62
C ASN B 53 -1.10 7.75 -5.07
N SER B 54 -0.89 6.48 -5.42
CA SER B 54 -1.14 6.03 -6.78
C SER B 54 -2.29 5.06 -6.80
N MSE B 55 -2.90 4.90 -5.63
CA MSE B 55 -4.02 3.98 -5.53
C MSE B 55 -5.35 4.73 -5.65
O MSE B 55 -5.38 5.97 -5.73
CB MSE B 55 -3.97 3.25 -4.20
CG MSE B 55 -2.60 2.67 -3.88
SE MSE B 55 -2.67 1.50 -2.36
CE MSE B 55 -1.70 -0.01 -3.11
N THR B 56 -6.44 3.98 -5.69
CA THR B 56 -7.75 4.58 -5.77
C THR B 56 -8.35 4.45 -4.38
N MSE B 57 -9.42 5.19 -4.13
CA MSE B 57 -10.05 5.12 -2.82
C MSE B 57 -10.49 3.69 -2.55
O MSE B 57 -10.37 3.21 -1.43
CB MSE B 57 -11.25 6.06 -2.74
CG MSE B 57 -11.05 7.16 -1.73
SE MSE B 57 -10.27 6.46 -0.08
CE MSE B 57 -11.89 6.04 0.88
N LYS B 58 -10.99 3.00 -3.56
CA LYS B 58 -11.42 1.63 -3.33
C LYS B 58 -10.26 0.79 -2.79
N GLU B 59 -9.10 0.94 -3.43
CA GLU B 59 -7.91 0.20 -3.02
C GLU B 59 -7.52 0.54 -1.60
N ARG B 60 -7.33 1.82 -1.32
CA ARG B 60 -6.95 2.26 0.00
C ARG B 60 -7.91 1.73 1.07
N ALA B 61 -8.97 1.05 0.66
CA ALA B 61 -9.96 0.52 1.60
C ALA B 61 -9.93 -1.00 1.61
N LYS B 62 -9.98 -1.60 0.41
CA LYS B 62 -9.95 -3.05 0.28
C LYS B 62 -8.66 -3.49 -0.42
N PRO B 63 -7.51 -3.30 0.23
CA PRO B 63 -6.23 -3.69 -0.36
C PRO B 63 -6.22 -5.06 -1.04
N GLU B 64 -7.07 -5.97 -0.57
CA GLU B 64 -7.11 -7.30 -1.17
C GLU B 64 -7.33 -7.22 -2.68
N ILE B 65 -8.40 -6.54 -3.08
CA ILE B 65 -8.71 -6.40 -4.50
C ILE B 65 -7.46 -5.99 -5.29
N ILE B 66 -6.42 -5.58 -4.59
CA ILE B 66 -5.20 -5.14 -5.27
C ILE B 66 -4.34 -6.31 -5.69
N LYS B 67 -4.78 -7.03 -6.71
CA LYS B 67 -4.02 -8.17 -7.19
C LYS B 67 -2.95 -7.72 -8.22
N GLY B 68 -2.63 -8.62 -9.14
CA GLY B 68 -1.61 -8.37 -10.15
C GLY B 68 -1.62 -7.08 -10.94
N SER B 69 -2.63 -6.89 -11.78
CA SER B 69 -2.72 -5.70 -12.64
C SER B 69 -2.69 -4.38 -11.88
N ARG B 70 -3.45 -4.30 -10.81
CA ARG B 70 -3.42 -3.05 -10.07
C ARG B 70 -2.00 -2.88 -9.57
N LYS B 71 -1.49 -3.88 -8.84
CA LYS B 71 -0.11 -3.85 -8.31
C LYS B 71 0.77 -3.19 -9.34
N ARG B 72 0.72 -3.69 -10.56
CA ARG B 72 1.48 -3.10 -11.64
C ARG B 72 1.22 -1.60 -11.75
N ARG B 73 0.03 -1.21 -12.17
CA ARG B 73 -0.29 0.22 -12.31
C ARG B 73 0.32 1.10 -11.21
N ILE B 74 0.17 0.64 -9.97
CA ILE B 74 0.66 1.33 -8.78
C ILE B 74 2.15 1.51 -8.74
N ALA B 75 2.87 0.53 -9.27
CA ALA B 75 4.31 0.61 -9.30
C ALA B 75 4.67 1.75 -10.24
N ALA B 76 4.43 1.52 -11.53
CA ALA B 76 4.76 2.51 -12.55
C ALA B 76 4.22 3.92 -12.31
N GLY B 77 3.13 4.02 -11.55
CA GLY B 77 2.57 5.33 -11.28
C GLY B 77 3.39 6.10 -10.29
N SER B 78 3.91 5.37 -9.30
CA SER B 78 4.74 5.95 -8.26
C SER B 78 6.20 5.75 -8.63
N GLY B 79 6.44 5.33 -9.87
CA GLY B 79 7.80 5.10 -10.32
C GLY B 79 8.47 4.11 -9.38
N MSE B 80 8.08 2.85 -9.49
CA MSE B 80 8.62 1.80 -8.63
C MSE B 80 8.63 0.45 -9.35
O MSE B 80 8.31 0.36 -10.53
CB MSE B 80 7.78 1.68 -7.37
CG MSE B 80 7.53 2.99 -6.67
SE MSE B 80 8.73 3.26 -5.22
CE MSE B 80 10.40 3.51 -6.19
N GLN B 81 9.02 -0.58 -8.62
CA GLN B 81 9.04 -1.93 -9.15
C GLN B 81 7.97 -2.62 -8.32
N VAL B 82 7.31 -3.63 -8.86
CA VAL B 82 6.26 -4.24 -8.07
C VAL B 82 6.83 -4.63 -6.71
N GLN B 83 8.05 -5.16 -6.71
CA GLN B 83 8.69 -5.56 -5.46
C GLN B 83 8.48 -4.47 -4.40
N ASP B 84 8.48 -3.21 -4.83
CA ASP B 84 8.28 -2.08 -3.92
C ASP B 84 6.85 -2.05 -3.43
N VAL B 85 5.92 -2.02 -4.37
CA VAL B 85 4.49 -1.99 -4.05
C VAL B 85 4.12 -3.23 -3.26
N ASN B 86 4.48 -4.40 -3.81
CA ASN B 86 4.19 -5.67 -3.17
C ASN B 86 4.83 -5.67 -1.78
N ARG B 87 5.87 -4.87 -1.64
CA ARG B 87 6.58 -4.74 -0.38
C ARG B 87 5.70 -4.02 0.66
N LEU B 88 5.32 -2.77 0.34
CA LEU B 88 4.48 -1.94 1.21
C LEU B 88 3.26 -2.69 1.71
N LEU B 89 2.60 -3.38 0.79
CA LEU B 89 1.41 -4.16 1.11
C LEU B 89 1.75 -5.12 2.22
N LYS B 90 2.98 -5.64 2.20
CA LYS B 90 3.42 -6.56 3.24
C LYS B 90 3.43 -5.77 4.53
N GLN B 91 3.96 -4.56 4.48
CA GLN B 91 4.00 -3.72 5.67
C GLN B 91 2.61 -3.45 6.22
N PHE B 92 1.68 -3.02 5.36
CA PHE B 92 0.32 -2.77 5.80
C PHE B 92 -0.24 -4.01 6.48
N ASP B 93 0.21 -5.17 6.02
CA ASP B 93 -0.25 -6.42 6.59
C ASP B 93 0.31 -6.64 8.00
N ASP B 94 1.63 -6.70 8.13
CA ASP B 94 2.23 -6.89 9.45
C ASP B 94 1.54 -5.91 10.37
N MSE B 95 1.34 -4.70 9.85
CA MSE B 95 0.69 -3.62 10.58
C MSE B 95 -0.78 -3.92 10.83
O MSE B 95 -1.30 -3.71 11.93
CB MSE B 95 0.84 -2.32 9.78
CG MSE B 95 -0.17 -1.24 10.16
SE MSE B 95 -0.12 -0.85 12.03
CE MSE B 95 1.53 0.14 12.07
N GLN B 96 -1.49 -4.38 9.80
CA GLN B 96 -2.90 -4.69 9.94
C GLN B 96 -3.03 -5.65 11.12
N ARG B 97 -2.29 -6.76 11.04
CA ARG B 97 -2.29 -7.80 12.06
C ARG B 97 -2.16 -7.29 13.49
N MSE B 98 -1.08 -6.57 13.79
CA MSE B 98 -0.89 -6.03 15.14
C MSE B 98 -2.17 -5.32 15.55
O MSE B 98 -2.72 -5.60 16.62
CB MSE B 98 0.28 -5.05 15.16
CG MSE B 98 1.62 -5.65 14.79
SE MSE B 98 3.05 -4.37 14.91
CE MSE B 98 3.17 -3.85 13.05
N MSE B 99 -2.64 -4.42 14.69
CA MSE B 99 -3.85 -3.65 14.91
C MSE B 99 -5.07 -4.55 15.19
O MSE B 99 -5.68 -4.46 16.26
CB MSE B 99 -4.16 -2.78 13.69
CG MSE B 99 -3.25 -1.59 13.53
SE MSE B 99 -3.44 -0.41 15.04
CE MSE B 99 -5.08 0.48 14.54
N LYS B 100 -5.41 -5.37 14.21
CA LYS B 100 -6.54 -6.28 14.35
C LYS B 100 -6.21 -7.37 15.36
N LYS B 101 -5.42 -7.01 16.37
CA LYS B 101 -5.03 -7.95 17.40
C LYS B 101 -5.30 -7.34 18.78
N MSE B 102 -4.74 -6.16 19.02
CA MSE B 102 -4.95 -5.50 20.30
C MSE B 102 -6.27 -4.74 20.29
O MSE B 102 -7.22 -5.21 20.95
OXT MSE B 102 -6.35 -3.72 19.58
CB MSE B 102 -3.79 -4.53 20.60
CG MSE B 102 -3.48 -3.56 19.46
SE MSE B 102 -1.90 -2.50 19.80
CE MSE B 102 -2.73 -1.03 20.72
CO NCO C . -22.21 11.96 -17.90
N1 NCO C . -21.02 11.35 -16.47
N2 NCO C . -23.40 12.58 -19.35
N3 NCO C . -21.88 13.83 -17.39
N4 NCO C . -22.54 10.09 -18.43
N5 NCO C . -20.67 12.05 -19.14
N6 NCO C . -23.75 11.88 -16.66
CO NCO D . -5.72 8.91 -17.61
N1 NCO D . -7.39 7.94 -17.21
N2 NCO D . -4.05 9.88 -18.01
N3 NCO D . -4.69 7.28 -17.27
N4 NCO D . -6.74 10.55 -17.96
N5 NCO D . -5.91 8.40 -19.52
N6 NCO D . -5.55 9.43 -15.71
CO NCO E . 7.12 16.64 -10.04
N1 NCO E . 8.01 14.95 -9.55
N2 NCO E . 6.23 18.34 -10.53
N3 NCO E . 8.71 17.19 -11.08
N4 NCO E . 5.52 16.10 -9.01
N5 NCO E . 6.37 15.79 -11.66
N6 NCO E . 7.87 17.50 -8.43
CO NCO F . 19.80 11.84 -10.56
N1 NCO F . 20.07 10.22 -9.47
N2 NCO F . 19.54 13.47 -11.66
N3 NCO F . 21.70 11.80 -11.10
N4 NCO F . 17.91 11.88 -10.03
N5 NCO F . 19.36 10.72 -12.12
N6 NCO F . 20.25 12.97 -9.01
CO NCO G . 14.06 19.50 -12.05
N1 NCO G . 12.83 21.04 -12.05
N2 NCO G . 15.30 17.96 -12.05
N3 NCO G . 12.60 18.32 -11.50
N4 NCO G . 15.54 20.68 -12.60
N5 NCO G . 13.63 19.15 -13.94
N6 NCO G . 14.49 19.85 -10.16
CO NCO H . 2.67 16.10 -20.61
N1 NCO H . 3.98 14.63 -20.52
N2 NCO H . 1.36 17.56 -20.70
N3 NCO H . 4.14 17.42 -20.66
N4 NCO H . 1.20 14.79 -20.57
N5 NCO H . 2.69 16.00 -22.58
N6 NCO H . 2.65 16.20 -18.64
CO NCO I . -31.97 10.43 -24.88
N1 NCO I . -31.94 10.95 -22.97
N2 NCO I . -31.99 9.92 -26.77
N3 NCO I . -30.12 9.79 -24.73
N4 NCO I . -33.81 11.07 -25.02
N5 NCO I . -32.62 8.66 -24.38
N6 NCO I . -31.30 12.21 -25.37
#